data_5HPE
#
_entry.id   5HPE
#
_cell.length_a   42.314
_cell.length_b   65.164
_cell.length_c   132.117
_cell.angle_alpha   90.00
_cell.angle_beta   90.00
_cell.angle_gamma   90.00
#
_symmetry.space_group_name_H-M   'P 21 21 21'
#
loop_
_entity.id
_entity.type
_entity.pdbx_description
1 polymer 'Serine/threonine-protein phosphatase 5,Hsp90 co-chaperone Cdc37'
2 non-polymer 'MANGANESE (II) ION'
3 non-polymer 'COBALT HEXAMMINE(III)'
4 water water
#
_entity_poly.entity_id   1
_entity_poly.type   'polypeptide(L)'
_entity_poly.pdbx_seq_one_letter_code
;EYSGPKLEDGKVTISFMKELMQWYKDQKKLHRKCAYQILVQVKEVLSKLSTLVETTLKETEKITVCGDTHGQFYDLLNIF
ELNGLPSETNPYIFNGDFVDRGSFSVEVILTLFGFKLLYPDHFHLLRGNHETDNMNQIYGFEGEVKAKYTAQMYELFSEV
FEWLPLAQCINGKVLIMHGGLFSEDGVTLDDIRKIERNRQPPDSGPMCDLLWSDPQPQNGRSISKRGVSCQFGPDVTKAF
LEENNLDYIIRSHEVKAEGYEVAHGGRCVTVFSAPNYCDQMGNKASYIHLQGSDLRPQFHQFTAVPHPNVKPMAYANTLL
QLGMMGSGSGSASRSVWDHIEVEDDEDETH
;
_entity_poly.pdbx_strand_id   A
#
# COMPACT_ATOMS: atom_id res chain seq x y z
N GLU A 1 26.11 -23.83 0.05
CA GLU A 1 24.68 -24.12 -0.03
C GLU A 1 23.89 -23.23 0.94
N TYR A 2 22.62 -23.00 0.62
CA TYR A 2 21.79 -22.01 1.31
C TYR A 2 21.65 -22.16 2.84
N SER A 3 21.96 -21.10 3.56
CA SER A 3 21.96 -21.05 5.03
C SER A 3 20.91 -20.06 5.57
N GLY A 4 20.01 -19.60 4.71
CA GLY A 4 19.02 -18.58 5.08
C GLY A 4 17.71 -19.15 5.62
N PRO A 5 16.70 -18.29 5.78
CA PRO A 5 15.37 -18.70 6.27
C PRO A 5 14.67 -19.77 5.38
N LYS A 6 13.99 -20.72 6.01
CA LYS A 6 13.25 -21.77 5.30
C LYS A 6 11.85 -21.90 5.83
N LEU A 7 10.90 -22.28 4.98
CA LEU A 7 9.55 -22.41 5.48
C LEU A 7 9.52 -23.66 6.33
N GLU A 8 8.74 -23.60 7.41
CA GLU A 8 8.51 -24.72 8.29
C GLU A 8 7.46 -25.61 7.68
N ASP A 9 7.88 -26.53 6.81
CA ASP A 9 6.98 -27.51 6.20
C ASP A 9 5.92 -26.79 5.33
N GLY A 10 6.41 -26.00 4.38
CA GLY A 10 5.55 -25.28 3.47
C GLY A 10 4.70 -24.21 4.14
N LYS A 11 4.91 -23.99 5.44
CA LYS A 11 4.11 -23.02 6.19
C LYS A 11 4.93 -21.85 6.70
N VAL A 12 4.37 -20.65 6.59
CA VAL A 12 4.95 -19.44 7.17
C VAL A 12 4.65 -19.42 8.68
N THR A 13 5.68 -19.19 9.50
CA THR A 13 5.55 -19.13 10.96
C THR A 13 6.18 -17.85 11.50
N ILE A 14 5.88 -17.54 12.75
CA ILE A 14 6.47 -16.36 13.39
C ILE A 14 8.03 -16.46 13.48
N SER A 15 8.58 -17.64 13.73
CA SER A 15 10.05 -17.73 13.74
C SER A 15 10.63 -17.56 12.30
N PHE A 16 9.96 -18.13 11.30
CA PHE A 16 10.37 -17.85 9.92
C PHE A 16 10.41 -16.35 9.65
N MET A 17 9.34 -15.63 10.00
CA MET A 17 9.24 -14.17 9.77
C MET A 17 10.34 -13.38 10.50
N LYS A 18 10.65 -13.74 11.74
CA LYS A 18 11.65 -13.02 12.51
C LYS A 18 13.04 -13.29 11.90
N GLU A 19 13.25 -14.55 11.54
CA GLU A 19 14.43 -14.93 10.80
C GLU A 19 14.54 -14.15 9.49
N LEU A 20 13.40 -14.02 8.82
CA LEU A 20 13.40 -13.35 7.53
C LEU A 20 13.78 -11.87 7.66
N MET A 21 13.20 -11.19 8.63
CA MET A 21 13.50 -9.77 8.81
C MET A 21 14.99 -9.58 9.18
N GLN A 22 15.53 -10.44 10.04
CA GLN A 22 16.98 -10.35 10.31
C GLN A 22 17.82 -10.51 9.04
N TRP A 23 17.46 -11.51 8.24
CA TRP A 23 18.20 -11.89 7.04
C TRP A 23 18.24 -10.73 6.04
N TYR A 24 17.12 -10.01 5.93
CA TYR A 24 17.03 -8.84 5.02
C TYR A 24 17.72 -7.64 5.61
N LYS A 25 17.61 -7.47 6.92
CA LYS A 25 18.27 -6.34 7.60
C LYS A 25 19.77 -6.42 7.25
N ASP A 26 20.32 -7.65 7.26
CA ASP A 26 21.74 -7.90 6.86
C ASP A 26 21.98 -8.04 5.35
N GLN A 27 20.99 -7.62 4.56
CA GLN A 27 21.11 -7.52 3.10
C GLN A 27 21.32 -8.85 2.40
N LYS A 28 20.76 -9.93 2.93
CA LYS A 28 20.88 -11.20 2.23
C LYS A 28 19.60 -11.53 1.46
N LYS A 29 19.65 -12.62 0.70
CA LYS A 29 18.56 -12.95 -0.20
C LYS A 29 17.79 -14.19 0.22
N LEU A 30 16.45 -14.08 0.30
CA LEU A 30 15.63 -15.26 0.49
C LEU A 30 15.87 -16.18 -0.70
N HIS A 31 15.99 -17.46 -0.46
CA HIS A 31 16.15 -18.42 -1.56
C HIS A 31 14.93 -18.41 -2.51
N ARG A 32 15.17 -18.38 -3.82
CA ARG A 32 14.10 -18.30 -4.82
C ARG A 32 12.99 -19.33 -4.70
N LYS A 33 13.27 -20.54 -4.22
CA LYS A 33 12.20 -21.49 -3.96
C LYS A 33 11.23 -20.98 -2.90
N CYS A 34 11.78 -20.38 -1.84
CA CYS A 34 10.97 -19.86 -0.74
C CYS A 34 10.19 -18.64 -1.19
N ALA A 35 10.85 -17.74 -1.92
CA ALA A 35 10.15 -16.64 -2.58
C ALA A 35 8.97 -17.18 -3.40
N TYR A 36 9.21 -18.26 -4.12
CA TYR A 36 8.21 -18.84 -5.00
C TYR A 36 7.06 -19.38 -4.16
N GLN A 37 7.38 -20.10 -3.09
CA GLN A 37 6.32 -20.68 -2.27
C GLN A 37 5.41 -19.60 -1.65
N ILE A 38 5.99 -18.45 -1.26
CA ILE A 38 5.24 -17.38 -0.63
C ILE A 38 4.29 -16.73 -1.63
N LEU A 39 4.81 -16.40 -2.82
CA LEU A 39 4.01 -15.86 -3.92
C LEU A 39 2.81 -16.71 -4.32
N VAL A 40 2.99 -18.01 -4.48
CA VAL A 40 1.84 -18.79 -4.98
C VAL A 40 0.85 -18.90 -3.86
N GLN A 41 1.32 -19.00 -2.61
CA GLN A 41 0.40 -19.06 -1.49
C GLN A 41 -0.36 -17.75 -1.24
N VAL A 42 0.30 -16.59 -1.32
CA VAL A 42 -0.50 -15.35 -1.15
C VAL A 42 -1.44 -15.17 -2.33
N LYS A 43 -1.09 -15.72 -3.50
CA LYS A 43 -1.98 -15.57 -4.64
C LYS A 43 -3.29 -16.29 -4.37
N GLU A 44 -3.21 -17.47 -3.79
CA GLU A 44 -4.39 -18.20 -3.40
C GLU A 44 -5.20 -17.46 -2.31
N VAL A 45 -4.54 -16.86 -1.30
CA VAL A 45 -5.27 -16.07 -0.30
C VAL A 45 -5.94 -14.79 -0.87
N LEU A 46 -5.19 -14.01 -1.61
CA LEU A 46 -5.71 -12.76 -2.16
C LEU A 46 -6.81 -12.98 -3.18
N SER A 47 -6.71 -14.03 -3.99
CA SER A 47 -7.70 -14.26 -5.01
C SER A 47 -9.08 -14.55 -4.45
N LYS A 48 -9.15 -14.89 -3.17
CA LYS A 48 -10.43 -15.27 -2.56
C LYS A 48 -11.06 -14.08 -1.86
N LEU A 49 -10.34 -12.96 -1.87
CA LEU A 49 -10.86 -11.71 -1.30
C LEU A 49 -11.81 -10.93 -2.27
N SER A 50 -12.77 -10.24 -1.70
CA SER A 50 -13.59 -9.26 -2.42
C SER A 50 -12.77 -8.02 -2.87
N THR A 51 -13.22 -7.36 -3.93
CA THR A 51 -12.53 -6.14 -4.39
C THR A 51 -12.61 -5.04 -3.33
N LEU A 52 -13.70 -5.04 -2.58
CA LEU A 52 -13.89 -4.19 -1.43
C LEU A 52 -13.89 -5.08 -0.16
N VAL A 53 -12.84 -4.96 0.63
CA VAL A 53 -12.74 -5.70 1.86
C VAL A 53 -13.59 -4.99 2.93
N GLU A 54 -14.45 -5.73 3.62
CA GLU A 54 -15.31 -5.10 4.61
C GLU A 54 -14.95 -5.64 5.97
N THR A 55 -14.58 -4.75 6.89
CA THR A 55 -14.09 -5.27 8.13
C THR A 55 -14.83 -4.63 9.30
N THR A 56 -15.19 -5.43 10.27
CA THR A 56 -15.73 -4.90 11.49
C THR A 56 -14.75 -4.89 12.67
N LEU A 57 -14.59 -3.68 13.18
CA LEU A 57 -13.75 -3.35 14.32
C LEU A 57 -14.61 -3.22 15.57
N LYS A 58 -14.52 -4.23 16.45
CA LYS A 58 -15.14 -4.16 17.77
C LYS A 58 -14.66 -2.98 18.60
N GLU A 59 -15.46 -2.65 19.62
CA GLU A 59 -15.30 -1.48 20.46
C GLU A 59 -13.92 -1.30 21.01
N THR A 60 -13.38 -2.41 21.50
CA THR A 60 -12.10 -2.37 22.19
C THR A 60 -10.93 -2.59 21.25
N GLU A 61 -11.20 -3.02 20.01
CA GLU A 61 -10.14 -3.25 19.02
C GLU A 61 -9.63 -1.98 18.40
N LYS A 62 -8.34 -1.97 18.06
CA LYS A 62 -7.78 -0.97 17.15
C LYS A 62 -7.20 -1.62 15.87
N ILE A 63 -6.87 -0.79 14.91
CA ILE A 63 -6.16 -1.21 13.72
C ILE A 63 -5.18 -0.09 13.37
N THR A 64 -4.07 -0.43 12.72
CA THR A 64 -3.12 0.57 12.24
C THR A 64 -3.17 0.67 10.70
N VAL A 65 -3.29 1.88 10.20
CA VAL A 65 -3.30 2.13 8.77
C VAL A 65 -1.99 2.82 8.39
N CYS A 66 -1.24 2.21 7.46
CA CYS A 66 -0.06 2.84 6.85
C CYS A 66 -0.29 3.22 5.38
N GLY A 67 0.48 4.21 4.92
CA GLY A 67 0.44 4.65 3.52
C GLY A 67 1.67 4.19 2.76
N ASP A 68 2.02 4.88 1.66
CA ASP A 68 3.14 4.51 0.77
C ASP A 68 4.39 4.06 1.59
N THR A 69 5.02 2.96 1.23
CA THR A 69 6.29 2.59 1.87
C THR A 69 7.42 2.51 0.85
N HIS A 70 7.06 2.31 -0.42
CA HIS A 70 7.99 2.45 -1.56
C HIS A 70 9.41 1.88 -1.34
N GLY A 71 9.47 0.64 -0.89
CA GLY A 71 10.74 -0.07 -0.84
C GLY A 71 11.72 0.41 0.22
N GLN A 72 11.23 1.24 1.14
CA GLN A 72 12.07 1.72 2.24
C GLN A 72 12.05 0.72 3.34
N PHE A 73 12.68 -0.43 3.09
CA PHE A 73 12.59 -1.55 4.03
C PHE A 73 13.02 -1.23 5.46
N TYR A 74 14.02 -0.36 5.64
CA TYR A 74 14.49 -0.15 7.02
C TYR A 74 13.52 0.74 7.77
N ASP A 75 12.75 1.54 7.05
CA ASP A 75 11.70 2.30 7.72
C ASP A 75 10.51 1.38 8.06
N LEU A 76 10.24 0.40 7.21
CA LEU A 76 9.21 -0.62 7.50
C LEU A 76 9.55 -1.32 8.82
N LEU A 77 10.79 -1.79 8.95
CA LEU A 77 11.25 -2.36 10.22
C LEU A 77 11.00 -1.41 11.41
N ASN A 78 11.34 -0.13 11.25
CA ASN A 78 11.13 0.84 12.29
C ASN A 78 9.63 1.01 12.69
N ILE A 79 8.71 0.88 11.70
CA ILE A 79 7.29 0.90 11.98
C ILE A 79 6.91 -0.23 12.91
N PHE A 80 7.42 -1.42 12.61
CA PHE A 80 7.14 -2.61 13.41
C PHE A 80 7.79 -2.51 14.79
N GLU A 81 8.96 -1.86 14.88
CA GLU A 81 9.56 -1.49 16.17
C GLU A 81 8.68 -0.53 16.97
N LEU A 82 8.24 0.55 16.31
CA LEU A 82 7.50 1.62 16.99
C LEU A 82 6.13 1.13 17.42
N ASN A 83 5.49 0.35 16.57
CA ASN A 83 4.08 0.09 16.72
C ASN A 83 3.78 -1.39 16.98
N GLY A 84 4.84 -2.20 17.07
CA GLY A 84 4.70 -3.60 17.39
C GLY A 84 4.60 -4.45 16.11
N LEU A 85 5.01 -5.72 16.17
CA LEU A 85 4.81 -6.62 15.04
C LEU A 85 3.31 -6.89 14.83
N PRO A 86 2.93 -7.26 13.61
CA PRO A 86 1.54 -7.65 13.33
C PRO A 86 1.10 -8.91 14.09
N SER A 87 -0.15 -8.96 14.50
CA SER A 87 -0.70 -10.15 15.11
C SER A 87 -2.21 -10.05 15.10
N GLU A 88 -2.87 -11.03 15.73
CA GLU A 88 -4.33 -11.07 15.87
C GLU A 88 -4.80 -9.89 16.65
N THR A 89 -4.00 -9.48 17.62
CA THR A 89 -4.35 -8.33 18.44
C THR A 89 -3.63 -7.06 18.02
N ASN A 90 -2.87 -7.10 16.91
CA ASN A 90 -2.26 -5.87 16.42
C ASN A 90 -2.40 -5.70 14.89
N PRO A 91 -3.65 -5.49 14.41
CA PRO A 91 -3.86 -5.59 12.96
C PRO A 91 -3.33 -4.40 12.17
N TYR A 92 -3.05 -4.63 10.89
CA TYR A 92 -2.48 -3.61 10.02
C TYR A 92 -3.18 -3.53 8.63
N ILE A 93 -3.27 -2.32 8.09
CA ILE A 93 -3.63 -2.11 6.69
C ILE A 93 -2.53 -1.32 6.02
N PHE A 94 -1.94 -1.88 4.96
CA PHE A 94 -1.02 -1.11 4.15
C PHE A 94 -1.72 -0.66 2.87
N ASN A 95 -1.92 0.65 2.79
CA ASN A 95 -2.62 1.28 1.67
C ASN A 95 -1.78 1.48 0.38
N GLY A 96 -1.17 0.42 -0.13
CA GLY A 96 -0.53 0.52 -1.44
C GLY A 96 0.84 1.13 -1.59
N ASP A 97 1.38 0.97 -2.80
CA ASP A 97 2.69 1.51 -3.15
C ASP A 97 3.72 0.95 -2.18
N PHE A 98 3.87 -0.37 -2.11
CA PHE A 98 4.90 -0.96 -1.24
C PHE A 98 6.25 -0.96 -1.97
N VAL A 99 6.23 -0.76 -3.29
CA VAL A 99 7.40 -0.98 -4.15
C VAL A 99 7.65 0.21 -5.07
N ASP A 100 8.77 0.18 -5.79
CA ASP A 100 9.23 1.25 -6.68
C ASP A 100 9.90 2.36 -5.85
N ARG A 101 10.88 3.01 -6.47
CA ARG A 101 11.64 4.16 -5.92
C ARG A 101 12.70 3.75 -4.89
N GLY A 102 12.28 3.14 -3.79
CA GLY A 102 13.23 2.62 -2.81
C GLY A 102 13.92 1.38 -3.35
N SER A 103 15.15 1.15 -2.89
CA SER A 103 15.98 0.06 -3.41
C SER A 103 15.88 -1.21 -2.56
N PHE A 104 14.94 -1.26 -1.63
CA PHE A 104 14.69 -2.51 -0.90
C PHE A 104 13.25 -2.92 -1.13
N SER A 105 12.78 -2.74 -2.37
CA SER A 105 11.41 -3.14 -2.73
C SER A 105 11.15 -4.62 -2.53
N VAL A 106 12.10 -5.49 -2.91
CA VAL A 106 11.89 -6.94 -2.81
C VAL A 106 11.78 -7.33 -1.34
N GLU A 107 12.64 -6.74 -0.52
CA GLU A 107 12.61 -6.96 0.92
C GLU A 107 11.27 -6.55 1.49
N VAL A 108 10.77 -5.39 1.09
CA VAL A 108 9.48 -4.92 1.60
C VAL A 108 8.37 -5.88 1.21
N ILE A 109 8.28 -6.23 -0.07
CA ILE A 109 7.05 -6.89 -0.51
C ILE A 109 6.99 -8.36 -0.01
N LEU A 110 8.14 -9.05 0.06
CA LEU A 110 8.16 -10.41 0.63
C LEU A 110 7.89 -10.41 2.11
N THR A 111 8.38 -9.38 2.81
CA THR A 111 8.05 -9.27 4.21
C THR A 111 6.52 -9.04 4.37
N LEU A 112 5.92 -8.20 3.51
CA LEU A 112 4.48 -7.93 3.67
C LEU A 112 3.64 -9.14 3.25
N PHE A 113 4.09 -9.87 2.23
CA PHE A 113 3.36 -11.07 1.82
C PHE A 113 3.44 -12.19 2.88
N GLY A 114 4.60 -12.33 3.55
CA GLY A 114 4.74 -13.33 4.61
C GLY A 114 3.82 -13.09 5.82
N PHE A 115 3.65 -11.83 6.18
CA PHE A 115 2.72 -11.54 7.25
C PHE A 115 1.29 -11.70 6.77
N LYS A 116 1.04 -11.47 5.48
CA LYS A 116 -0.32 -11.68 4.97
C LYS A 116 -0.69 -13.16 5.14
N LEU A 117 0.28 -14.05 4.97
CA LEU A 117 0.04 -15.50 5.09
C LEU A 117 -0.09 -15.94 6.53
N LEU A 118 0.68 -15.30 7.41
CA LEU A 118 0.70 -15.68 8.81
C LEU A 118 -0.58 -15.21 9.49
N TYR A 119 -1.02 -14.00 9.18
CA TYR A 119 -2.22 -13.44 9.81
C TYR A 119 -3.21 -12.91 8.79
N PRO A 120 -3.82 -13.80 7.98
CA PRO A 120 -4.61 -13.32 6.84
C PRO A 120 -5.86 -12.51 7.25
N ASP A 121 -6.30 -12.65 8.49
CA ASP A 121 -7.46 -11.88 8.91
C ASP A 121 -7.13 -10.58 9.60
N HIS A 122 -5.85 -10.30 9.81
CA HIS A 122 -5.48 -9.09 10.54
C HIS A 122 -4.46 -8.27 9.81
N PHE A 123 -3.98 -8.78 8.69
CA PHE A 123 -2.98 -8.06 7.96
C PHE A 123 -3.52 -7.87 6.53
N HIS A 124 -3.72 -6.62 6.15
CA HIS A 124 -4.41 -6.26 4.93
C HIS A 124 -3.53 -5.44 4.03
N LEU A 125 -3.65 -5.69 2.72
CA LEU A 125 -2.80 -5.05 1.73
C LEU A 125 -3.72 -4.58 0.65
N LEU A 126 -3.65 -3.29 0.31
CA LEU A 126 -4.50 -2.72 -0.74
C LEU A 126 -3.56 -2.37 -1.86
N ARG A 127 -4.01 -2.54 -3.08
CA ARG A 127 -3.23 -2.19 -4.25
C ARG A 127 -2.98 -0.68 -4.40
N GLY A 128 -1.77 -0.26 -4.79
CA GLY A 128 -1.55 1.13 -5.13
C GLY A 128 -1.30 1.25 -6.62
N ASN A 129 -1.09 2.47 -7.13
CA ASN A 129 -0.85 2.56 -8.58
C ASN A 129 0.51 1.98 -8.94
N HIS A 130 1.39 1.80 -7.96
CA HIS A 130 2.69 1.19 -8.22
C HIS A 130 2.68 -0.32 -8.08
N GLU A 131 1.57 -0.94 -7.68
CA GLU A 131 1.49 -2.39 -7.86
C GLU A 131 0.89 -2.73 -9.22
N THR A 132 1.52 -2.17 -10.27
CA THR A 132 1.18 -2.41 -11.67
C THR A 132 2.46 -2.46 -12.56
N ASP A 133 2.42 -3.22 -13.67
CA ASP A 133 3.56 -3.35 -14.59
C ASP A 133 4.04 -2.02 -15.20
N ASN A 134 3.07 -1.19 -15.57
CA ASN A 134 3.30 0.19 -16.03
C ASN A 134 4.34 0.96 -15.18
N MET A 135 4.11 1.04 -13.88
CA MET A 135 4.97 1.80 -12.98
C MET A 135 6.26 1.05 -12.64
N ASN A 136 6.15 -0.26 -12.39
CA ASN A 136 7.33 -1.09 -12.10
C ASN A 136 8.42 -1.11 -13.22
N GLN A 137 8.01 -1.01 -14.48
CA GLN A 137 8.97 -0.91 -15.60
C GLN A 137 9.77 0.38 -15.54
N ILE A 138 9.18 1.40 -14.94
CA ILE A 138 9.79 2.71 -14.91
C ILE A 138 10.50 3.02 -13.57
N TYR A 139 9.90 2.62 -12.46
CA TYR A 139 10.35 3.22 -11.24
C TYR A 139 11.15 2.28 -10.33
N GLY A 140 11.70 1.20 -10.90
CA GLY A 140 12.72 0.41 -10.21
C GLY A 140 12.40 -1.02 -9.82
N PHE A 141 11.12 -1.33 -9.56
CA PHE A 141 10.79 -2.66 -9.05
C PHE A 141 11.11 -3.80 -10.05
N GLU A 142 10.63 -3.70 -11.28
CA GLU A 142 10.95 -4.71 -12.31
C GLU A 142 12.47 -4.94 -12.39
N GLY A 143 13.22 -3.84 -12.43
CA GLY A 143 14.67 -3.88 -12.40
C GLY A 143 15.21 -4.60 -11.17
N GLU A 144 14.69 -4.29 -9.98
CA GLU A 144 15.21 -4.87 -8.75
C GLU A 144 15.00 -6.38 -8.79
N VAL A 145 13.82 -6.80 -9.23
CA VAL A 145 13.49 -8.21 -9.24
C VAL A 145 14.34 -8.94 -10.29
N LYS A 146 14.63 -8.29 -11.41
CA LYS A 146 15.50 -8.89 -12.42
C LYS A 146 16.94 -9.04 -11.90
N ALA A 147 17.49 -8.01 -11.24
CA ALA A 147 18.83 -8.13 -10.66
C ALA A 147 18.92 -9.27 -9.62
N LYS A 148 17.94 -9.35 -8.73
CA LYS A 148 17.96 -10.30 -7.59
C LYS A 148 17.45 -11.69 -7.97
N TYR A 149 16.46 -11.76 -8.84
CA TYR A 149 15.95 -13.07 -9.23
C TYR A 149 15.93 -13.13 -10.76
N THR A 150 14.80 -13.52 -11.35
CA THR A 150 14.61 -13.61 -12.80
C THR A 150 13.43 -12.75 -13.30
N ALA A 151 13.40 -12.53 -14.61
CA ALA A 151 12.20 -12.02 -15.28
C ALA A 151 10.97 -12.91 -14.98
N GLN A 152 11.18 -14.23 -14.84
CA GLN A 152 10.05 -15.12 -14.51
C GLN A 152 9.56 -14.91 -13.08
N MET A 153 10.47 -14.62 -12.14
CA MET A 153 10.02 -14.31 -10.79
C MET A 153 9.17 -13.01 -10.85
N TYR A 154 9.57 -12.06 -11.69
CA TYR A 154 8.89 -10.80 -11.77
C TYR A 154 7.47 -10.94 -12.30
N GLU A 155 7.30 -11.73 -13.36
CA GLU A 155 5.98 -12.01 -13.89
C GLU A 155 5.09 -12.65 -12.81
N LEU A 156 5.68 -13.42 -11.90
CA LEU A 156 4.85 -13.95 -10.80
C LEU A 156 4.43 -12.82 -9.81
N PHE A 157 5.33 -11.88 -9.53
CA PHE A 157 4.94 -10.73 -8.72
C PHE A 157 3.74 -9.97 -9.35
N SER A 158 3.87 -9.66 -10.64
CA SER A 158 2.82 -8.98 -11.39
C SER A 158 1.46 -9.68 -11.27
N GLU A 159 1.45 -11.02 -11.35
CA GLU A 159 0.24 -11.81 -11.21
C GLU A 159 -0.36 -11.67 -9.85
N VAL A 160 0.49 -11.75 -8.83
CA VAL A 160 0.01 -11.58 -7.46
C VAL A 160 -0.52 -10.17 -7.23
N PHE A 161 0.15 -9.12 -7.70
CA PHE A 161 -0.41 -7.75 -7.51
C PHE A 161 -1.85 -7.59 -8.06
N GLU A 162 -2.14 -8.23 -9.20
CA GLU A 162 -3.48 -8.18 -9.77
C GLU A 162 -4.55 -8.72 -8.83
N TRP A 163 -4.20 -9.43 -7.77
CA TRP A 163 -5.27 -9.88 -6.86
C TRP A 163 -5.45 -8.99 -5.62
N LEU A 164 -4.63 -7.96 -5.49
CA LEU A 164 -4.76 -7.07 -4.35
C LEU A 164 -6.15 -6.39 -4.33
N PRO A 165 -6.79 -6.36 -3.16
CA PRO A 165 -8.06 -5.64 -3.07
C PRO A 165 -7.86 -4.15 -3.40
N LEU A 166 -8.92 -3.42 -3.78
CA LEU A 166 -8.82 -2.01 -4.16
C LEU A 166 -9.19 -1.04 -3.04
N ALA A 167 -9.96 -1.52 -2.08
CA ALA A 167 -10.45 -0.63 -1.03
C ALA A 167 -10.89 -1.44 0.16
N GLN A 168 -10.93 -0.76 1.30
CA GLN A 168 -11.37 -1.41 2.51
C GLN A 168 -12.28 -0.44 3.21
N CYS A 169 -13.43 -0.94 3.64
CA CYS A 169 -14.35 -0.14 4.40
C CYS A 169 -14.45 -0.66 5.83
N ILE A 170 -14.25 0.22 6.82
CA ILE A 170 -14.28 -0.19 8.22
C ILE A 170 -15.56 0.25 8.92
N ASN A 171 -16.32 -0.72 9.43
CA ASN A 171 -17.57 -0.48 10.15
C ASN A 171 -18.60 0.33 9.35
N GLY A 172 -18.61 0.17 8.03
CA GLY A 172 -19.51 0.95 7.20
C GLY A 172 -19.35 2.46 7.32
N LYS A 173 -18.23 2.93 7.87
CA LYS A 173 -18.02 4.36 8.18
C LYS A 173 -16.73 5.04 7.61
N VAL A 174 -15.64 4.28 7.46
CA VAL A 174 -14.38 4.78 6.92
C VAL A 174 -13.95 3.95 5.69
N LEU A 175 -13.75 4.66 4.59
CA LEU A 175 -13.38 4.01 3.35
C LEU A 175 -11.90 4.34 3.15
N ILE A 176 -11.08 3.32 2.96
CA ILE A 176 -9.64 3.46 2.69
C ILE A 176 -9.35 2.98 1.27
N MET A 177 -8.74 3.82 0.42
CA MET A 177 -8.26 3.40 -0.90
C MET A 177 -6.93 4.09 -1.13
N HIS A 178 -6.11 3.58 -2.06
CA HIS A 178 -4.81 4.23 -2.22
C HIS A 178 -4.89 5.68 -2.72
N GLY A 179 -5.57 5.85 -3.87
CA GLY A 179 -5.61 7.12 -4.62
C GLY A 179 -6.74 8.05 -4.15
N GLY A 180 -7.97 7.83 -4.58
CA GLY A 180 -9.05 8.64 -4.00
C GLY A 180 -10.39 8.37 -4.66
N LEU A 181 -11.16 9.45 -4.95
CA LEU A 181 -12.52 9.34 -5.46
C LEU A 181 -12.59 9.50 -6.98
N PHE A 182 -13.78 9.77 -7.48
CA PHE A 182 -14.03 9.42 -8.88
C PHE A 182 -14.24 10.61 -9.81
N SER A 183 -14.00 10.36 -11.10
CA SER A 183 -14.11 11.41 -12.10
C SER A 183 -15.58 11.69 -12.52
N GLU A 184 -16.54 10.89 -12.03
CA GLU A 184 -17.99 11.12 -12.22
C GLU A 184 -18.73 11.00 -10.91
N ASP A 185 -19.79 11.76 -10.72
CA ASP A 185 -20.66 11.62 -9.53
C ASP A 185 -21.41 10.28 -9.51
N GLY A 186 -21.84 9.83 -8.33
CA GLY A 186 -22.73 8.69 -8.24
C GLY A 186 -22.13 7.30 -8.12
N VAL A 187 -20.82 7.16 -7.96
CA VAL A 187 -20.25 5.83 -7.70
C VAL A 187 -20.64 5.35 -6.26
N THR A 188 -21.06 4.10 -6.14
CA THR A 188 -21.43 3.53 -4.84
C THR A 188 -20.45 2.47 -4.33
N LEU A 189 -20.56 2.13 -3.04
CA LEU A 189 -19.74 1.04 -2.55
C LEU A 189 -20.04 -0.24 -3.36
N ASP A 190 -21.27 -0.44 -3.80
CA ASP A 190 -21.55 -1.71 -4.48
C ASP A 190 -20.85 -1.72 -5.83
N ASP A 191 -20.84 -0.58 -6.51
CA ASP A 191 -20.02 -0.39 -7.72
C ASP A 191 -18.55 -0.84 -7.46
N ILE A 192 -17.96 -0.42 -6.33
CA ILE A 192 -16.53 -0.76 -6.05
C ILE A 192 -16.38 -2.28 -5.96
N ARG A 193 -17.23 -2.85 -5.11
CA ARG A 193 -17.30 -4.27 -4.87
C ARG A 193 -17.41 -5.09 -6.15
N LYS A 194 -18.03 -4.52 -7.18
CA LYS A 194 -18.21 -5.28 -8.42
C LYS A 194 -17.11 -5.06 -9.45
N ILE A 195 -16.16 -4.15 -9.19
CA ILE A 195 -15.01 -4.04 -10.08
C ILE A 195 -14.30 -5.41 -10.24
N GLU A 196 -14.07 -5.85 -11.46
CA GLU A 196 -13.21 -7.01 -11.69
C GLU A 196 -11.77 -6.54 -11.75
N ARG A 197 -11.00 -6.90 -10.72
CA ARG A 197 -9.77 -6.19 -10.43
C ARG A 197 -8.52 -6.88 -10.94
N ASN A 198 -8.61 -8.18 -11.33
CA ASN A 198 -7.40 -8.92 -11.70
C ASN A 198 -7.02 -8.71 -13.14
N ARG A 199 -6.35 -7.58 -13.33
CA ARG A 199 -5.99 -6.98 -14.58
C ARG A 199 -5.00 -5.84 -14.28
N GLN A 200 -4.42 -5.29 -15.32
CA GLN A 200 -3.76 -4.01 -15.26
C GLN A 200 -4.83 -2.91 -15.29
N PRO A 201 -4.63 -1.85 -14.51
CA PRO A 201 -5.73 -0.88 -14.49
C PRO A 201 -5.83 -0.10 -15.80
N PRO A 202 -7.05 0.23 -16.22
CA PRO A 202 -7.12 0.99 -17.48
C PRO A 202 -6.85 2.51 -17.28
N ASP A 203 -6.69 3.16 -18.42
CA ASP A 203 -6.78 4.60 -18.73
C ASP A 203 -7.75 5.44 -17.97
N SER A 204 -8.93 4.90 -17.73
CA SER A 204 -10.05 5.71 -17.27
C SER A 204 -11.02 4.83 -16.51
N GLY A 205 -11.91 5.42 -15.73
CA GLY A 205 -12.92 4.67 -15.00
C GLY A 205 -12.55 4.48 -13.55
N PRO A 206 -13.44 3.82 -12.79
CA PRO A 206 -13.41 3.67 -11.36
C PRO A 206 -12.11 3.03 -10.82
N MET A 207 -11.66 1.93 -11.44
CA MET A 207 -10.43 1.29 -11.01
C MET A 207 -9.24 2.24 -11.14
N CYS A 208 -9.25 3.02 -12.21
CA CYS A 208 -8.18 3.96 -12.42
C CYS A 208 -8.22 5.09 -11.37
N ASP A 209 -9.39 5.71 -11.19
CA ASP A 209 -9.61 6.73 -10.16
C ASP A 209 -9.14 6.26 -8.77
N LEU A 210 -9.54 5.06 -8.36
CA LEU A 210 -9.26 4.54 -7.03
C LEU A 210 -7.77 4.49 -6.75
N LEU A 211 -6.98 4.27 -7.82
CA LEU A 211 -5.52 4.12 -7.68
C LEU A 211 -4.73 5.39 -7.95
N TRP A 212 -5.35 6.38 -8.60
CA TRP A 212 -4.62 7.51 -9.24
C TRP A 212 -5.07 8.95 -8.86
N SER A 213 -6.31 9.17 -8.43
CA SER A 213 -6.80 10.54 -8.22
C SER A 213 -6.20 11.20 -6.98
N ASP A 214 -6.30 12.53 -6.96
CA ASP A 214 -5.80 13.33 -5.83
C ASP A 214 -6.89 14.35 -5.43
N PRO A 215 -6.94 14.72 -4.15
CA PRO A 215 -7.81 15.80 -3.70
C PRO A 215 -7.21 17.17 -4.12
N GLN A 216 -8.06 18.19 -4.26
CA GLN A 216 -7.68 19.59 -4.52
C GLN A 216 -8.52 20.41 -3.55
N PRO A 217 -8.08 21.64 -3.20
CA PRO A 217 -8.86 22.38 -2.20
C PRO A 217 -10.13 23.06 -2.76
N GLN A 218 -10.16 23.43 -4.03
CA GLN A 218 -11.32 24.16 -4.55
C GLN A 218 -12.37 23.18 -5.15
N ASN A 219 -13.62 23.60 -5.16
CA ASN A 219 -14.71 22.74 -5.61
C ASN A 219 -14.55 22.36 -7.06
N GLY A 220 -15.09 21.20 -7.45
CA GLY A 220 -15.11 20.79 -8.83
C GLY A 220 -14.21 19.57 -9.05
N ARG A 221 -13.88 19.35 -10.32
CA ARG A 221 -12.91 18.35 -10.74
C ARG A 221 -11.99 19.02 -11.74
N SER A 222 -10.68 18.73 -11.66
CA SER A 222 -9.74 19.21 -12.65
C SER A 222 -9.02 18.04 -13.32
N ILE A 223 -8.60 18.27 -14.56
CA ILE A 223 -7.83 17.25 -15.26
C ILE A 223 -6.51 17.03 -14.48
N SER A 224 -6.13 15.79 -14.22
CA SER A 224 -4.96 15.52 -13.39
C SER A 224 -3.62 15.80 -14.07
N LYS A 225 -2.65 16.31 -13.31
CA LYS A 225 -1.27 16.51 -13.81
C LYS A 225 -0.53 15.21 -13.90
N ARG A 226 -1.12 14.13 -13.38
CA ARG A 226 -0.55 12.79 -13.54
C ARG A 226 -0.81 12.16 -14.92
N GLY A 227 -1.75 12.72 -15.69
CA GLY A 227 -2.06 12.18 -17.02
C GLY A 227 -3.23 11.21 -17.09
N VAL A 228 -3.75 10.79 -15.93
CA VAL A 228 -5.01 10.03 -15.86
C VAL A 228 -5.86 10.50 -14.66
N SER A 229 -7.13 10.11 -14.64
CA SER A 229 -8.01 10.43 -13.53
C SER A 229 -8.09 11.96 -13.34
N CYS A 230 -8.46 12.38 -12.14
CA CYS A 230 -8.71 13.81 -11.93
C CYS A 230 -8.27 14.21 -10.51
N GLN A 231 -8.28 15.52 -10.29
CA GLN A 231 -8.30 16.11 -8.96
C GLN A 231 -9.77 16.37 -8.54
N PHE A 232 -10.12 16.03 -7.31
CA PHE A 232 -11.51 16.18 -6.89
C PHE A 232 -11.62 17.19 -5.71
N GLY A 233 -12.58 18.09 -5.76
CA GLY A 233 -12.85 18.98 -4.64
C GLY A 233 -13.62 18.47 -3.42
N PRO A 234 -13.76 19.36 -2.40
CA PRO A 234 -14.55 19.06 -1.19
C PRO A 234 -15.97 18.68 -1.59
N ASP A 235 -16.55 19.33 -2.59
CA ASP A 235 -17.92 19.00 -3.01
C ASP A 235 -18.01 17.52 -3.50
N VAL A 236 -17.00 17.04 -4.22
CA VAL A 236 -16.96 15.65 -4.70
C VAL A 236 -16.99 14.70 -3.50
N THR A 237 -16.19 15.00 -2.50
CA THR A 237 -16.10 14.16 -1.32
C THR A 237 -17.37 14.10 -0.50
N LYS A 238 -17.96 15.27 -0.23
CA LYS A 238 -19.25 15.36 0.52
C LYS A 238 -20.37 14.56 -0.14
N ALA A 239 -20.44 14.65 -1.47
CA ALA A 239 -21.52 13.96 -2.17
C ALA A 239 -21.24 12.46 -2.11
N PHE A 240 -19.95 12.07 -2.20
CA PHE A 240 -19.65 10.65 -2.20
C PHE A 240 -19.99 10.08 -0.82
N LEU A 241 -19.51 10.73 0.24
CA LEU A 241 -19.75 10.27 1.60
C LEU A 241 -21.24 10.20 1.93
N GLU A 242 -21.99 11.19 1.45
CA GLU A 242 -23.40 11.24 1.78
C GLU A 242 -24.12 10.11 1.05
N GLU A 243 -23.86 9.93 -0.24
CA GLU A 243 -24.59 8.84 -0.93
C GLU A 243 -24.26 7.47 -0.26
N ASN A 244 -23.05 7.29 0.24
CA ASN A 244 -22.65 5.98 0.73
C ASN A 244 -22.67 5.83 2.25
N ASN A 245 -23.26 6.79 2.95
CA ASN A 245 -23.35 6.78 4.42
C ASN A 245 -21.99 6.57 5.13
N LEU A 246 -20.97 7.28 4.71
CA LEU A 246 -19.61 7.18 5.30
C LEU A 246 -19.19 8.43 6.11
N ASP A 247 -18.33 8.31 7.11
CA ASP A 247 -17.81 9.49 7.82
C ASP A 247 -16.69 10.19 7.06
N TYR A 248 -15.69 9.42 6.62
CA TYR A 248 -14.61 10.04 5.87
C TYR A 248 -13.80 8.98 5.11
N ILE A 249 -12.85 9.44 4.30
CA ILE A 249 -12.00 8.51 3.63
C ILE A 249 -10.54 8.71 4.06
N ILE A 250 -9.75 7.64 3.95
CA ILE A 250 -8.34 7.69 4.20
C ILE A 250 -7.67 7.37 2.88
N ARG A 251 -6.65 8.13 2.55
CA ARG A 251 -5.97 7.79 1.33
C ARG A 251 -4.47 8.04 1.46
N SER A 252 -3.69 7.69 0.43
CA SER A 252 -2.22 7.83 0.52
C SER A 252 -1.66 8.50 -0.75
N HIS A 253 -0.67 7.96 -1.48
CA HIS A 253 -0.43 8.39 -2.90
C HIS A 253 0.35 9.73 -3.09
N GLU A 254 0.49 10.53 -2.03
CA GLU A 254 1.11 11.88 -2.12
C GLU A 254 1.99 12.15 -0.91
N VAL A 255 3.26 12.47 -1.16
CA VAL A 255 4.17 12.78 -0.09
C VAL A 255 3.69 14.02 0.66
N LYS A 256 3.86 14.03 1.97
CA LYS A 256 3.52 15.16 2.84
C LYS A 256 4.67 15.39 3.82
N ALA A 257 5.07 16.66 3.99
CA ALA A 257 6.19 17.04 4.90
C ALA A 257 5.92 16.62 6.34
N GLU A 258 4.66 16.74 6.75
CA GLU A 258 4.24 16.29 8.10
C GLU A 258 3.88 14.80 8.20
N GLY A 259 4.01 14.07 7.11
CA GLY A 259 3.61 12.67 7.13
C GLY A 259 2.13 12.40 6.89
N TYR A 260 1.30 13.43 6.98
CA TYR A 260 -0.15 13.26 6.80
C TYR A 260 -0.71 14.62 6.44
N GLU A 261 -1.99 14.66 6.08
CA GLU A 261 -2.71 15.91 5.85
C GLU A 261 -4.21 15.61 5.98
N VAL A 262 -4.99 16.57 6.49
CA VAL A 262 -6.42 16.41 6.66
C VAL A 262 -7.07 17.51 5.84
N ALA A 263 -7.70 17.15 4.74
CA ALA A 263 -8.30 18.13 3.84
C ALA A 263 -9.83 18.01 3.84
N HIS A 264 -10.49 18.88 3.07
CA HIS A 264 -11.94 18.82 2.89
C HIS A 264 -12.69 18.87 4.24
N GLY A 265 -12.14 19.63 5.18
CA GLY A 265 -12.78 19.88 6.45
C GLY A 265 -12.75 18.69 7.41
N GLY A 266 -11.88 17.73 7.14
CA GLY A 266 -11.88 16.50 7.94
C GLY A 266 -12.21 15.25 7.11
N ARG A 267 -12.84 15.49 5.97
CA ARG A 267 -13.44 14.41 5.17
C ARG A 267 -12.43 13.55 4.38
N CYS A 268 -11.30 14.12 4.01
CA CYS A 268 -10.31 13.44 3.20
C CYS A 268 -8.92 13.47 3.83
N VAL A 269 -8.51 12.36 4.43
CA VAL A 269 -7.24 12.25 5.14
C VAL A 269 -6.17 11.59 4.23
N THR A 270 -4.98 12.19 4.13
CA THR A 270 -3.82 11.53 3.53
C THR A 270 -2.87 11.02 4.63
N VAL A 271 -2.46 9.76 4.54
CA VAL A 271 -1.39 9.22 5.39
C VAL A 271 -0.28 8.76 4.49
N PHE A 272 0.96 9.01 4.88
CA PHE A 272 2.11 8.72 4.00
C PHE A 272 3.20 8.12 4.89
N SER A 273 3.60 6.86 4.63
CA SER A 273 4.51 6.16 5.55
C SER A 273 5.97 6.03 5.07
N ALA A 274 6.43 6.86 4.14
CA ALA A 274 7.82 6.75 3.69
C ALA A 274 8.59 8.00 4.03
N PRO A 275 9.30 7.97 5.16
CA PRO A 275 9.94 9.16 5.71
C PRO A 275 11.19 9.49 4.87
N ASN A 276 11.60 10.76 4.83
CA ASN A 276 12.71 11.22 3.96
C ASN A 276 12.67 10.48 2.62
N TYR A 277 11.56 10.68 1.95
CA TYR A 277 11.15 9.96 0.73
C TYR A 277 12.18 10.08 -0.36
N CYS A 278 12.62 8.94 -0.91
CA CYS A 278 13.68 8.91 -1.94
C CYS A 278 15.07 9.45 -1.52
N ASP A 279 15.33 9.39 -0.21
CA ASP A 279 16.48 10.00 0.44
C ASP A 279 16.61 11.45 0.05
N GLN A 280 15.50 12.07 -0.36
CA GLN A 280 15.53 13.44 -0.85
C GLN A 280 14.64 14.44 -0.11
N MET A 281 13.43 14.02 0.27
CA MET A 281 12.36 14.98 0.56
C MET A 281 12.46 15.58 1.95
N GLY A 282 13.10 14.86 2.85
CA GLY A 282 13.27 15.33 4.21
C GLY A 282 11.99 15.28 5.03
N ASN A 283 10.91 14.74 4.48
CA ASN A 283 9.57 14.69 5.13
C ASN A 283 9.52 13.77 6.35
N LYS A 284 8.59 14.05 7.28
CA LYS A 284 8.21 13.04 8.25
C LYS A 284 7.25 12.03 7.59
N ALA A 285 7.00 10.92 8.27
CA ALA A 285 6.01 9.93 7.84
C ALA A 285 5.03 9.76 8.98
N SER A 286 3.89 9.12 8.73
CA SER A 286 3.02 8.77 9.84
C SER A 286 2.29 7.46 9.58
N TYR A 287 1.65 6.92 10.62
CA TYR A 287 0.70 5.86 10.49
C TYR A 287 -0.50 6.26 11.38
N ILE A 288 -1.67 5.65 11.17
CA ILE A 288 -2.88 6.10 11.85
C ILE A 288 -3.35 5.00 12.77
N HIS A 289 -3.80 5.31 13.99
CA HIS A 289 -4.59 4.36 14.76
C HIS A 289 -6.09 4.65 14.64
N LEU A 290 -6.89 3.60 14.52
CA LEU A 290 -8.33 3.73 14.52
C LEU A 290 -8.82 2.85 15.63
N GLN A 291 -9.79 3.31 16.41
CA GLN A 291 -10.35 2.50 17.50
C GLN A 291 -11.78 2.12 17.16
N GLY A 292 -12.16 0.87 17.36
CA GLY A 292 -13.53 0.46 17.08
C GLY A 292 -14.62 1.29 17.75
N SER A 293 -14.35 1.76 18.97
CA SER A 293 -15.27 2.61 19.70
C SER A 293 -15.24 4.04 19.19
N ASP A 294 -14.17 4.37 18.48
CA ASP A 294 -13.87 5.76 18.12
C ASP A 294 -13.06 5.83 16.81
N LEU A 295 -13.74 6.00 15.68
CA LEU A 295 -13.05 5.84 14.41
C LEU A 295 -12.38 7.12 13.95
N ARG A 296 -12.14 8.05 14.85
CA ARG A 296 -11.43 9.25 14.46
C ARG A 296 -9.95 8.89 14.45
N PRO A 297 -9.22 9.42 13.45
CA PRO A 297 -7.83 9.09 13.21
C PRO A 297 -6.88 9.71 14.23
N GLN A 298 -6.07 8.85 14.85
CA GLN A 298 -4.93 9.29 15.63
C GLN A 298 -3.63 9.18 14.81
N PHE A 299 -2.92 10.29 14.68
CA PHE A 299 -1.74 10.34 13.83
C PHE A 299 -0.46 10.18 14.66
N HIS A 300 0.38 9.20 14.28
CA HIS A 300 1.68 8.99 14.91
C HIS A 300 2.79 9.19 13.92
N GLN A 301 3.52 10.30 14.07
CA GLN A 301 4.63 10.64 13.18
C GLN A 301 5.95 9.98 13.53
N PHE A 302 6.82 9.87 12.53
CA PHE A 302 8.12 9.29 12.76
C PHE A 302 9.08 9.69 11.65
N THR A 303 10.38 9.55 11.92
CA THR A 303 11.40 10.03 11.01
C THR A 303 12.22 8.84 10.48
N ALA A 304 13.01 9.08 9.44
CA ALA A 304 13.72 8.01 8.77
C ALA A 304 14.85 7.48 9.67
N VAL A 305 15.20 6.21 9.50
CA VAL A 305 16.30 5.59 10.26
C VAL A 305 17.40 5.20 9.23
N PRO A 306 18.64 4.90 9.67
CA PRO A 306 19.69 4.58 8.68
C PRO A 306 19.41 3.35 7.82
N HIS A 307 19.98 3.34 6.61
CA HIS A 307 19.93 2.17 5.74
C HIS A 307 21.22 2.09 4.91
N PRO A 308 21.55 0.89 4.38
CA PRO A 308 22.81 0.69 3.63
C PRO A 308 23.00 1.70 2.49
N ASN A 309 24.26 1.95 2.13
CA ASN A 309 24.58 2.90 1.07
C ASN A 309 24.12 2.35 -0.28
N VAL A 310 22.82 2.38 -0.54
CA VAL A 310 22.27 1.95 -1.84
C VAL A 310 21.27 3.03 -2.27
N LYS A 311 21.69 3.89 -3.20
CA LYS A 311 20.90 5.02 -3.70
C LYS A 311 19.53 4.58 -4.26
N PRO A 312 18.48 5.43 -4.10
CA PRO A 312 17.12 5.17 -4.62
C PRO A 312 17.12 5.11 -6.16
N MET A 313 16.12 4.43 -6.72
CA MET A 313 16.02 4.22 -8.18
C MET A 313 17.24 3.48 -8.75
N ALA A 314 18.09 2.91 -7.89
CA ALA A 314 19.31 2.24 -8.31
C ALA A 314 19.07 1.19 -9.42
N TYR A 315 17.90 0.53 -9.37
CA TYR A 315 17.53 -0.53 -10.33
C TYR A 315 16.64 -0.04 -11.49
N ALA A 316 16.37 1.27 -11.51
CA ALA A 316 15.60 1.86 -12.61
C ALA A 316 16.52 2.18 -13.81
N TRP A 337 7.33 12.57 -20.78
CA TRP A 337 7.83 13.24 -21.98
C TRP A 337 7.66 12.35 -23.21
N ASP A 338 8.21 11.13 -23.14
CA ASP A 338 7.40 9.96 -23.49
C ASP A 338 7.50 8.78 -22.48
N HIS A 339 7.29 9.04 -21.18
CA HIS A 339 6.33 8.14 -20.51
C HIS A 339 5.17 8.81 -19.76
N ILE A 340 4.11 8.04 -19.74
CA ILE A 340 2.78 8.55 -19.46
C ILE A 340 2.23 7.88 -18.20
N GLU A 341 1.61 8.76 -17.42
CA GLU A 341 1.10 8.51 -16.08
C GLU A 341 2.26 8.59 -15.09
N VAL A 342 2.32 9.73 -14.45
CA VAL A 342 3.47 9.96 -13.62
C VAL A 342 3.21 10.08 -12.10
N GLU A 343 4.02 9.37 -11.38
CA GLU A 343 4.15 9.77 -10.02
C GLU A 343 4.87 11.12 -9.98
N ASP A 344 4.74 11.85 -8.90
CA ASP A 344 5.37 13.15 -8.95
C ASP A 344 6.85 12.92 -8.61
N ASP A 345 7.72 13.89 -8.84
CA ASP A 345 9.14 13.52 -8.95
C ASP A 345 9.82 13.16 -7.60
N GLU A 346 11.09 12.81 -7.65
CA GLU A 346 11.79 12.33 -6.46
#